data_2ZZA
#
_entry.id   2ZZA
#
_cell.length_a   56.598
_cell.length_b   77.458
_cell.length_c   159.819
_cell.angle_alpha   90.00
_cell.angle_beta   90.00
_cell.angle_gamma   90.00
#
_symmetry.space_group_name_H-M   'C 2 2 21'
#
loop_
_entity.id
_entity.type
_entity.pdbx_description
1 polymer 'Dihydrofolate reductase'
2 non-polymer 'NADP NICOTINAMIDE-ADENINE-DINUCLEOTIDE PHOSPHATE'
3 non-polymer 'FOLIC ACID'
4 non-polymer 'PENTAETHYLENE GLYCOL'
5 water water
#
_entity_poly.entity_id   1
_entity_poly.type   'polypeptide(L)'
_entity_poly.pdbx_seq_one_letter_code
;VIVSMIAALANNRVIGLDNKMPWHLPAELQLFKRATLGKPIVMGRNTFESIGRPLPGRLNIVLSRQTDYQPEGVTVVATL
EDAVVAAGDVEELMIIGGATIYNQCLAAADRLYLTHIELTTEGDTWFPDYEQYNWQEIEHESYAADDKNPHNYRFSLLER
VK
;
_entity_poly.pdbx_strand_id   A,B
#
# COMPACT_ATOMS: atom_id res chain seq x y z
N VAL A 1 -7.22 13.34 9.39
CA VAL A 1 -6.41 12.14 9.10
C VAL A 1 -6.94 10.92 9.84
N ILE A 2 -6.95 9.78 9.17
CA ILE A 2 -7.40 8.54 9.78
C ILE A 2 -6.30 7.98 10.66
N VAL A 3 -6.66 7.61 11.89
CA VAL A 3 -5.67 7.07 12.81
C VAL A 3 -5.78 5.55 12.83
N SER A 4 -4.79 4.90 12.25
CA SER A 4 -4.76 3.45 12.17
C SER A 4 -3.60 2.91 12.97
N MET A 5 -3.76 1.69 13.49
CA MET A 5 -2.69 1.05 14.25
C MET A 5 -2.50 -0.33 13.64
N ILE A 6 -1.24 -0.69 13.43
CA ILE A 6 -0.91 -1.98 12.84
C ILE A 6 0.01 -2.77 13.77
N ALA A 7 -0.33 -4.04 13.98
CA ALA A 7 0.45 -4.90 14.84
C ALA A 7 0.23 -6.37 14.53
N ALA A 8 1.17 -7.21 14.97
CA ALA A 8 1.08 -8.65 14.79
C ALA A 8 1.12 -9.25 16.20
N LEU A 9 0.03 -9.88 16.61
CA LEU A 9 -0.05 -10.46 17.93
C LEU A 9 -0.13 -11.98 17.97
N ALA A 10 0.62 -12.55 18.90
CA ALA A 10 0.61 -14.00 19.11
C ALA A 10 -0.55 -14.15 20.09
N ASN A 11 -0.80 -15.36 20.59
CA ASN A 11 -1.89 -15.54 21.52
C ASN A 11 -1.65 -14.69 22.76
N ASN A 12 -2.73 -14.36 23.47
CA ASN A 12 -2.63 -13.54 24.68
C ASN A 12 -2.16 -12.12 24.35
N ARG A 13 -2.28 -11.74 23.09
CA ARG A 13 -1.89 -10.42 22.61
C ARG A 13 -0.41 -10.08 22.73
N VAL A 14 0.45 -11.09 22.85
CA VAL A 14 1.89 -10.85 22.94
C VAL A 14 2.40 -10.20 21.64
N ILE A 15 3.32 -9.24 21.76
CA ILE A 15 3.88 -8.60 20.57
C ILE A 15 5.41 -8.47 20.67
N GLY A 16 5.96 -8.70 21.85
CA GLY A 16 7.41 -8.57 21.97
C GLY A 16 8.03 -9.12 23.24
N LEU A 17 9.35 -9.30 23.20
CA LEU A 17 10.12 -9.79 24.33
C LEU A 17 11.55 -9.31 24.14
N ASP A 18 12.08 -8.65 25.16
CA ASP A 18 13.44 -8.12 25.11
C ASP A 18 13.67 -7.20 23.92
N ASN A 19 12.71 -6.31 23.69
CA ASN A 19 12.75 -5.34 22.60
C ASN A 19 12.96 -5.96 21.22
N LYS A 20 12.35 -7.12 21.02
CA LYS A 20 12.41 -7.82 19.73
C LYS A 20 11.09 -8.55 19.55
N MET A 21 10.88 -9.08 18.35
CA MET A 21 9.66 -9.83 18.05
C MET A 21 9.98 -11.27 18.45
N PRO A 22 9.05 -11.96 19.14
CA PRO A 22 9.24 -13.34 19.58
C PRO A 22 9.09 -14.38 18.48
N TRP A 23 9.13 -13.95 17.23
CA TRP A 23 8.99 -14.88 16.11
C TRP A 23 9.61 -14.28 14.85
N HIS A 24 9.63 -15.06 13.78
CA HIS A 24 10.18 -14.58 12.51
C HIS A 24 9.35 -15.08 11.33
N LEU A 25 8.55 -14.20 10.76
CA LEU A 25 7.71 -14.51 9.63
C LEU A 25 7.98 -13.48 8.55
N PRO A 26 9.00 -13.71 7.71
CA PRO A 26 9.33 -12.75 6.66
C PRO A 26 8.14 -12.32 5.80
N ALA A 27 7.28 -13.25 5.44
CA ALA A 27 6.11 -12.93 4.64
C ALA A 27 5.17 -12.00 5.39
N GLU A 28 5.15 -12.09 6.71
CA GLU A 28 4.27 -11.23 7.50
C GLU A 28 4.86 -9.82 7.58
N LEU A 29 6.19 -9.73 7.61
CA LEU A 29 6.86 -8.44 7.63
C LEU A 29 6.61 -7.72 6.30
N GLN A 30 6.47 -8.50 5.23
CA GLN A 30 6.19 -7.92 3.92
C GLN A 30 4.76 -7.41 3.91
N LEU A 31 3.90 -8.03 4.71
CA LEU A 31 2.51 -7.59 4.81
C LEU A 31 2.52 -6.25 5.55
N PHE A 32 3.40 -6.12 6.54
CA PHE A 32 3.54 -4.88 7.28
C PHE A 32 4.01 -3.78 6.33
N LYS A 33 5.02 -4.09 5.54
CA LYS A 33 5.56 -3.11 4.60
C LYS A 33 4.47 -2.70 3.61
N ARG A 34 3.71 -3.68 3.15
CA ARG A 34 2.64 -3.44 2.19
C ARG A 34 1.60 -2.47 2.76
N ALA A 35 1.26 -2.66 4.02
CA ALA A 35 0.25 -1.82 4.67
C ALA A 35 0.72 -0.43 5.09
N THR A 36 2.03 -0.20 5.11
CA THR A 36 2.55 1.09 5.55
C THR A 36 3.31 1.90 4.51
N LEU A 37 3.78 1.24 3.46
CA LEU A 37 4.55 1.92 2.42
C LEU A 37 3.85 3.21 1.99
N GLY A 38 4.64 4.28 1.89
CA GLY A 38 4.09 5.56 1.45
C GLY A 38 3.28 6.32 2.47
N LYS A 39 3.15 5.76 3.67
CA LYS A 39 2.39 6.40 4.73
C LYS A 39 3.30 6.81 5.88
N PRO A 40 2.89 7.81 6.65
CA PRO A 40 3.74 8.21 7.78
C PRO A 40 3.55 7.13 8.85
N ILE A 41 4.65 6.67 9.44
CA ILE A 41 4.53 5.68 10.50
C ILE A 41 5.00 6.31 11.81
N VAL A 42 4.19 6.17 12.85
CA VAL A 42 4.48 6.73 14.17
C VAL A 42 4.84 5.59 15.11
N MET A 43 5.97 5.72 15.81
CA MET A 43 6.43 4.67 16.70
C MET A 43 7.08 5.22 17.96
N GLY A 44 7.12 4.39 19.00
CA GLY A 44 7.76 4.82 20.23
C GLY A 44 9.27 4.65 20.07
N ARG A 45 10.03 5.30 20.96
CA ARG A 45 11.49 5.22 20.90
C ARG A 45 11.99 3.77 20.95
N ASN A 46 11.40 2.95 21.82
CA ASN A 46 11.84 1.57 21.94
C ASN A 46 11.66 0.79 20.65
N THR A 47 10.51 0.98 20.00
CA THR A 47 10.23 0.29 18.74
C THR A 47 11.22 0.75 17.67
N PHE A 48 11.52 2.04 17.63
CA PHE A 48 12.46 2.50 16.62
C PHE A 48 13.81 1.81 16.81
N GLU A 49 14.27 1.74 18.05
CA GLU A 49 15.55 1.11 18.32
C GLU A 49 15.54 -0.40 18.04
N SER A 50 14.38 -1.05 18.21
CA SER A 50 14.29 -2.48 17.94
C SER A 50 14.38 -2.72 16.44
N ILE A 51 13.84 -1.78 15.66
CA ILE A 51 13.88 -1.90 14.21
C ILE A 51 15.33 -1.72 13.74
N GLY A 52 16.03 -0.76 14.33
CA GLY A 52 17.43 -0.57 13.97
C GLY A 52 17.77 0.43 12.88
N ARG A 53 16.77 1.08 12.32
CA ARG A 53 17.01 2.08 11.28
C ARG A 53 15.67 2.56 10.74
N PRO A 54 15.67 3.71 10.04
CA PRO A 54 14.38 4.17 9.51
C PRO A 54 13.92 3.22 8.42
N LEU A 55 12.61 3.06 8.27
CA LEU A 55 12.10 2.17 7.25
C LEU A 55 11.96 2.98 5.97
N PRO A 56 12.46 2.44 4.85
CA PRO A 56 12.40 3.12 3.55
C PRO A 56 11.01 3.36 2.99
N GLY A 57 10.88 4.45 2.24
CA GLY A 57 9.62 4.78 1.60
C GLY A 57 8.51 5.23 2.52
N ARG A 58 8.86 5.60 3.75
CA ARG A 58 7.89 6.05 4.73
C ARG A 58 8.46 7.19 5.56
N LEU A 59 7.60 8.10 6.01
CA LEU A 59 8.03 9.19 6.85
C LEU A 59 8.09 8.56 8.25
N ASN A 60 9.30 8.41 8.80
CA ASN A 60 9.47 7.81 10.12
C ASN A 60 9.37 8.83 11.23
N ILE A 61 8.34 8.72 12.05
CA ILE A 61 8.12 9.62 13.17
C ILE A 61 8.28 8.84 14.47
N VAL A 62 9.24 9.27 15.30
CA VAL A 62 9.53 8.60 16.55
C VAL A 62 9.20 9.47 17.77
N LEU A 63 8.54 8.87 18.74
CA LEU A 63 8.14 9.57 19.96
C LEU A 63 9.13 9.39 21.09
N SER A 64 9.60 10.52 21.61
CA SER A 64 10.54 10.50 22.72
C SER A 64 10.52 11.85 23.42
N ARG A 65 10.55 11.83 24.74
CA ARG A 65 10.56 13.06 25.51
C ARG A 65 11.99 13.49 25.81
N GLN A 66 12.96 12.72 25.32
CA GLN A 66 14.35 13.08 25.54
C GLN A 66 14.65 14.12 24.46
N THR A 67 14.62 15.39 24.86
CA THR A 67 14.83 16.50 23.94
C THR A 67 16.05 16.41 23.02
N ASP A 68 17.14 15.81 23.48
CA ASP A 68 18.32 15.70 22.64
C ASP A 68 18.39 14.38 21.87
N TYR A 69 17.29 13.62 21.88
CA TYR A 69 17.25 12.36 21.15
C TYR A 69 16.94 12.65 19.68
N GLN A 70 17.85 12.25 18.79
CA GLN A 70 17.64 12.50 17.39
C GLN A 70 18.45 11.56 16.52
N PRO A 71 17.90 10.38 16.22
CA PRO A 71 18.61 9.41 15.39
C PRO A 71 18.65 9.96 13.98
N GLU A 72 19.51 9.40 13.13
CA GLU A 72 19.60 9.86 11.76
C GLU A 72 18.39 9.37 10.97
N GLY A 73 17.97 10.17 9.99
CA GLY A 73 16.86 9.79 9.13
C GLY A 73 15.45 9.66 9.69
N VAL A 74 15.18 10.23 10.85
CA VAL A 74 13.82 10.15 11.40
C VAL A 74 13.42 11.48 12.03
N THR A 75 12.12 11.70 12.15
CA THR A 75 11.60 12.92 12.76
C THR A 75 11.22 12.59 14.20
N VAL A 76 11.76 13.31 15.17
CA VAL A 76 11.45 13.05 16.57
C VAL A 76 10.47 14.10 17.11
N VAL A 77 9.44 13.64 17.80
CA VAL A 77 8.43 14.51 18.37
C VAL A 77 8.26 14.18 19.84
N ALA A 78 7.95 15.19 20.65
CA ALA A 78 7.81 15.01 22.09
C ALA A 78 6.40 14.68 22.59
N THR A 79 5.40 14.73 21.71
CA THR A 79 4.03 14.41 22.10
C THR A 79 3.26 13.81 20.93
N LEU A 80 2.14 13.15 21.23
CA LEU A 80 1.31 12.53 20.20
C LEU A 80 0.69 13.61 19.31
N GLU A 81 0.39 14.75 19.91
CA GLU A 81 -0.19 15.87 19.17
C GLU A 81 0.80 16.30 18.08
N ASP A 82 2.08 16.35 18.43
CA ASP A 82 3.12 16.75 17.49
C ASP A 82 3.38 15.68 16.43
N ALA A 83 3.09 14.43 16.77
CA ALA A 83 3.27 13.34 15.83
C ALA A 83 2.25 13.50 14.71
N VAL A 84 1.01 13.80 15.08
CA VAL A 84 -0.06 13.98 14.11
C VAL A 84 0.27 15.13 13.17
N VAL A 85 0.71 16.25 13.75
CA VAL A 85 1.07 17.41 12.95
C VAL A 85 2.21 17.03 12.00
N ALA A 86 3.22 16.36 12.54
CA ALA A 86 4.36 15.94 11.74
C ALA A 86 3.93 15.06 10.56
N ALA A 87 2.90 14.24 10.76
CA ALA A 87 2.42 13.35 9.72
C ALA A 87 2.02 14.14 8.47
N GLY A 88 1.59 15.37 8.67
CA GLY A 88 1.22 16.21 7.55
C GLY A 88 -0.19 16.07 7.03
N ASP A 89 -0.43 16.67 5.86
CA ASP A 89 -1.74 16.63 5.23
C ASP A 89 -1.92 15.33 4.46
N VAL A 90 -1.96 14.22 5.21
CA VAL A 90 -2.14 12.91 4.62
C VAL A 90 -3.51 12.35 4.94
N GLU A 91 -3.87 11.30 4.22
CA GLU A 91 -5.15 10.64 4.37
C GLU A 91 -5.17 9.69 5.57
N GLU A 92 -4.06 9.00 5.79
CA GLU A 92 -3.98 8.04 6.87
C GLU A 92 -2.61 8.01 7.51
N LEU A 93 -2.61 7.83 8.82
CA LEU A 93 -1.41 7.78 9.64
C LEU A 93 -1.34 6.38 10.25
N MET A 94 -0.16 5.76 10.27
CA MET A 94 -0.02 4.42 10.82
C MET A 94 0.77 4.35 12.12
N ILE A 95 0.10 4.00 13.21
CA ILE A 95 0.76 3.83 14.51
C ILE A 95 1.31 2.41 14.46
N ILE A 96 2.58 2.29 14.44
CA ILE A 96 3.26 1.04 14.39
C ILE A 96 3.82 0.47 15.71
N GLY A 97 3.37 1.05 16.77
CA GLY A 97 3.65 0.73 18.14
C GLY A 97 4.91 1.31 18.83
N GLY A 98 5.16 1.01 20.02
CA GLY A 98 5.01 -0.24 20.64
C GLY A 98 3.87 -0.34 21.63
N ALA A 99 4.02 -1.06 22.72
CA ALA A 99 2.79 -1.33 23.45
C ALA A 99 2.30 -0.01 24.00
N THR A 100 3.28 0.77 24.43
CA THR A 100 3.07 2.07 24.99
C THR A 100 2.24 3.00 24.10
N ILE A 101 2.57 3.05 22.82
CA ILE A 101 1.86 3.91 21.89
C ILE A 101 0.49 3.34 21.57
N TYR A 102 0.43 2.02 21.39
CA TYR A 102 -0.85 1.38 21.11
C TYR A 102 -1.81 1.70 22.26
N ASN A 103 -1.31 1.60 23.49
CA ASN A 103 -2.13 1.88 24.68
C ASN A 103 -2.74 3.28 24.65
N GLN A 104 -1.90 4.27 24.40
CA GLN A 104 -2.33 5.66 24.37
C GLN A 104 -3.23 6.01 23.20
N CYS A 105 -3.04 5.34 22.08
CA CYS A 105 -3.84 5.65 20.90
C CYS A 105 -5.04 4.75 20.62
N LEU A 106 -5.15 3.61 21.31
CA LEU A 106 -6.26 2.70 21.06
C LEU A 106 -7.63 3.38 21.07
N ALA A 107 -7.88 4.20 22.07
CA ALA A 107 -9.17 4.87 22.20
C ALA A 107 -9.48 5.78 21.02
N ALA A 108 -8.43 6.30 20.38
CA ALA A 108 -8.62 7.20 19.25
C ALA A 108 -8.46 6.53 17.88
N ALA A 109 -8.11 5.24 17.89
CA ALA A 109 -7.90 4.49 16.65
C ALA A 109 -9.16 4.30 15.81
N ASP A 110 -9.03 4.54 14.51
CA ASP A 110 -10.14 4.38 13.57
C ASP A 110 -10.10 2.98 12.97
N ARG A 111 -8.89 2.48 12.74
CA ARG A 111 -8.70 1.17 12.18
C ARG A 111 -7.58 0.42 12.86
N LEU A 112 -7.67 -0.89 12.83
CA LEU A 112 -6.63 -1.74 13.40
C LEU A 112 -6.25 -2.72 12.30
N TYR A 113 -4.98 -2.73 11.93
CA TYR A 113 -4.50 -3.68 10.93
C TYR A 113 -3.87 -4.76 11.78
N LEU A 114 -4.62 -5.82 12.06
CA LEU A 114 -4.10 -6.87 12.92
C LEU A 114 -3.77 -8.19 12.25
N THR A 115 -2.62 -8.75 12.63
CA THR A 115 -2.22 -10.05 12.13
C THR A 115 -2.18 -10.95 13.37
N HIS A 116 -3.02 -11.97 13.40
CA HIS A 116 -3.03 -12.87 14.54
C HIS A 116 -2.18 -14.08 14.21
N ILE A 117 -1.16 -14.31 15.02
CA ILE A 117 -0.27 -15.44 14.81
C ILE A 117 -0.66 -16.57 15.75
N GLU A 118 -0.84 -17.74 15.17
CA GLU A 118 -1.23 -18.93 15.92
C GLU A 118 0.00 -19.42 16.66
N LEU A 119 0.28 -18.80 17.80
CA LEU A 119 1.45 -19.15 18.58
C LEU A 119 1.34 -18.65 20.01
N THR A 120 1.77 -19.48 20.97
CA THR A 120 1.75 -19.10 22.37
C THR A 120 3.21 -19.01 22.77
N THR A 121 3.65 -17.80 23.09
CA THR A 121 5.03 -17.57 23.45
C THR A 121 5.18 -16.54 24.59
N GLU A 122 6.33 -16.56 25.24
CA GLU A 122 6.61 -15.64 26.33
C GLU A 122 6.74 -14.20 25.82
N GLY A 123 6.27 -13.25 26.61
CA GLY A 123 6.36 -11.85 26.20
C GLY A 123 6.55 -10.89 27.35
N ASP A 124 6.95 -9.66 27.03
CA ASP A 124 7.11 -8.63 28.05
C ASP A 124 6.44 -7.35 27.58
N THR A 125 5.68 -7.46 26.49
CA THR A 125 4.92 -6.34 25.93
C THR A 125 3.69 -6.94 25.25
N TRP A 126 2.54 -6.34 25.49
CA TRP A 126 1.27 -6.82 24.95
C TRP A 126 0.47 -5.75 24.23
N PHE A 127 -0.32 -6.16 23.24
CA PHE A 127 -1.15 -5.22 22.52
C PHE A 127 -2.32 -4.92 23.47
N PRO A 128 -2.88 -3.69 23.42
CA PRO A 128 -3.99 -3.40 24.33
C PRO A 128 -5.23 -4.28 24.08
N ASP A 129 -6.13 -4.29 25.06
CA ASP A 129 -7.36 -5.08 24.99
C ASP A 129 -8.38 -4.35 24.11
N TYR A 130 -8.13 -4.38 22.81
CA TYR A 130 -8.99 -3.72 21.83
C TYR A 130 -10.42 -4.23 21.82
N GLU A 131 -10.63 -5.46 22.28
CA GLU A 131 -11.97 -6.03 22.28
C GLU A 131 -12.91 -5.35 23.28
N GLN A 132 -12.37 -4.49 24.13
CA GLN A 132 -13.20 -3.81 25.11
C GLN A 132 -14.03 -2.77 24.37
N TYR A 133 -13.69 -2.56 23.10
CA TYR A 133 -14.41 -1.61 22.24
C TYR A 133 -15.10 -2.39 21.12
N ASN A 134 -15.90 -1.69 20.32
CA ASN A 134 -16.62 -2.33 19.23
C ASN A 134 -16.00 -2.11 17.86
N TRP A 135 -15.75 -3.20 17.16
CA TRP A 135 -15.14 -3.15 15.83
C TRP A 135 -15.88 -4.05 14.85
N GLN A 136 -15.70 -3.78 13.57
CA GLN A 136 -16.29 -4.62 12.52
C GLN A 136 -15.17 -4.88 11.52
N GLU A 137 -15.00 -6.15 11.17
CA GLU A 137 -13.96 -6.55 10.24
C GLU A 137 -14.30 -6.16 8.80
N ILE A 138 -13.38 -5.47 8.15
CA ILE A 138 -13.55 -5.01 6.78
C ILE A 138 -12.87 -5.94 5.79
N GLU A 139 -11.75 -6.53 6.21
CA GLU A 139 -11.01 -7.45 5.35
C GLU A 139 -10.37 -8.52 6.20
N HIS A 140 -9.97 -9.61 5.57
CA HIS A 140 -9.31 -10.68 6.27
C HIS A 140 -8.71 -11.66 5.28
N GLU A 141 -7.64 -12.31 5.69
CA GLU A 141 -6.99 -13.30 4.86
C GLU A 141 -6.20 -14.22 5.77
N SER A 142 -6.32 -15.52 5.55
CA SER A 142 -5.59 -16.48 6.36
C SER A 142 -4.37 -16.93 5.58
N TYR A 143 -3.27 -17.13 6.29
CA TYR A 143 -2.04 -17.57 5.66
C TYR A 143 -1.52 -18.82 6.37
N ALA A 144 -1.57 -19.95 5.68
CA ALA A 144 -1.11 -21.20 6.26
C ALA A 144 0.41 -21.19 6.37
N ALA A 145 0.93 -21.81 7.41
CA ALA A 145 2.37 -21.87 7.61
C ALA A 145 2.99 -22.49 6.37
N ASP A 146 4.19 -22.05 6.02
CA ASP A 146 4.86 -22.63 4.87
C ASP A 146 6.36 -22.73 5.01
N ASP A 147 6.98 -22.89 3.85
CA ASP A 147 8.41 -23.02 3.69
C ASP A 147 9.25 -22.05 4.53
N LYS A 148 8.99 -20.75 4.34
CA LYS A 148 9.73 -19.71 5.01
C LYS A 148 9.01 -19.01 6.16
N ASN A 149 7.78 -19.41 6.42
CA ASN A 149 6.97 -18.84 7.50
C ASN A 149 6.33 -20.02 8.25
N PRO A 150 6.99 -20.49 9.31
CA PRO A 150 6.57 -21.62 10.13
C PRO A 150 5.33 -21.50 11.02
N HIS A 151 4.62 -20.39 10.97
CA HIS A 151 3.43 -20.23 11.79
C HIS A 151 2.23 -19.78 10.98
N ASN A 152 1.05 -20.31 11.29
CA ASN A 152 -0.15 -19.88 10.60
C ASN A 152 -0.50 -18.52 11.17
N TYR A 153 -1.06 -17.65 10.35
CA TYR A 153 -1.48 -16.34 10.82
C TYR A 153 -2.65 -15.83 10.00
N ARG A 154 -3.41 -14.91 10.56
CA ARG A 154 -4.58 -14.38 9.90
C ARG A 154 -4.60 -12.86 9.98
N PHE A 155 -4.76 -12.21 8.83
CA PHE A 155 -4.82 -10.75 8.79
C PHE A 155 -6.27 -10.32 8.97
N SER A 156 -6.48 -9.25 9.73
CA SER A 156 -7.81 -8.75 9.99
C SER A 156 -7.79 -7.23 10.00
N LEU A 157 -8.60 -6.60 9.15
CA LEU A 157 -8.66 -5.15 9.12
C LEU A 157 -9.95 -4.77 9.84
N LEU A 158 -9.80 -4.16 11.01
CA LEU A 158 -10.95 -3.77 11.80
C LEU A 158 -11.18 -2.27 11.69
N GLU A 159 -12.45 -1.89 11.70
CA GLU A 159 -12.84 -0.49 11.62
C GLU A 159 -13.66 -0.21 12.88
N ARG A 160 -13.35 0.87 13.56
CA ARG A 160 -14.03 1.23 14.81
C ARG A 160 -15.52 1.49 14.63
N VAL A 161 -16.31 1.06 15.61
CA VAL A 161 -17.76 1.26 15.60
C VAL A 161 -18.23 1.85 16.93
N VAL B 1 14.11 -5.22 -9.73
CA VAL B 1 12.80 -4.58 -9.44
C VAL B 1 11.65 -5.34 -10.10
N ILE B 2 10.56 -5.52 -9.37
CA ILE B 2 9.39 -6.20 -9.89
C ILE B 2 8.60 -5.24 -10.77
N VAL B 3 8.29 -5.68 -11.98
CA VAL B 3 7.54 -4.84 -12.91
C VAL B 3 6.06 -5.20 -12.82
N SER B 4 5.28 -4.29 -12.27
CA SER B 4 3.85 -4.51 -12.12
C SER B 4 3.08 -3.49 -12.92
N MET B 5 1.90 -3.90 -13.39
CA MET B 5 1.06 -3.01 -14.15
C MET B 5 -0.31 -3.02 -13.50
N ILE B 6 -0.92 -1.86 -13.37
CA ILE B 6 -2.24 -1.78 -12.76
C ILE B 6 -3.22 -1.05 -13.67
N ALA B 7 -4.42 -1.62 -13.80
CA ALA B 7 -5.45 -1.06 -14.65
C ALA B 7 -6.86 -1.53 -14.28
N ALA B 8 -7.86 -0.76 -14.68
CA ALA B 8 -9.27 -1.11 -14.45
C ALA B 8 -9.87 -1.29 -15.84
N LEU B 9 -10.26 -2.51 -16.16
CA LEU B 9 -10.83 -2.80 -17.47
C LEU B 9 -12.31 -3.11 -17.43
N ALA B 10 -13.06 -2.50 -18.35
CA ALA B 10 -14.48 -2.76 -18.47
C ALA B 10 -14.49 -3.97 -19.40
N ASN B 11 -15.67 -4.41 -19.84
CA ASN B 11 -15.71 -5.56 -20.75
C ASN B 11 -14.94 -5.27 -22.04
N ASN B 12 -14.37 -6.31 -22.64
CA ASN B 12 -13.64 -6.18 -23.89
C ASN B 12 -12.31 -5.43 -23.69
N ARG B 13 -11.89 -5.35 -22.43
CA ARG B 13 -10.65 -4.67 -22.05
C ARG B 13 -10.63 -3.15 -22.24
N VAL B 14 -11.80 -2.54 -22.32
CA VAL B 14 -11.88 -1.09 -22.49
C VAL B 14 -11.34 -0.35 -21.26
N ILE B 15 -10.42 0.59 -21.48
CA ILE B 15 -9.86 1.34 -20.36
C ILE B 15 -10.02 2.85 -20.48
N GLY B 16 -10.38 3.35 -21.65
CA GLY B 16 -10.55 4.79 -21.80
C GLY B 16 -11.25 5.26 -23.05
N LEU B 17 -11.60 6.55 -23.06
CA LEU B 17 -12.27 7.16 -24.20
C LEU B 17 -12.08 8.67 -24.09
N ASP B 18 -11.63 9.29 -25.17
CA ASP B 18 -11.39 10.72 -25.21
C ASP B 18 -10.46 11.18 -24.10
N ASN B 19 -9.45 10.36 -23.83
CA ASN B 19 -8.44 10.62 -22.81
C ASN B 19 -8.99 10.78 -21.39
N LYS B 20 -10.11 10.11 -21.13
CA LYS B 20 -10.75 10.12 -19.82
C LYS B 20 -11.14 8.69 -19.48
N MET B 21 -11.54 8.45 -18.24
CA MET B 21 -12.00 7.13 -17.81
C MET B 21 -13.48 7.07 -18.23
N PRO B 22 -13.92 5.96 -18.84
CA PRO B 22 -15.30 5.81 -19.28
C PRO B 22 -16.31 5.56 -18.16
N TRP B 23 -15.89 5.75 -16.91
CA TRP B 23 -16.77 5.51 -15.77
C TRP B 23 -16.23 6.26 -14.56
N HIS B 24 -16.99 6.23 -13.47
CA HIS B 24 -16.58 6.90 -12.25
C HIS B 24 -16.88 6.04 -11.03
N LEU B 25 -15.84 5.46 -10.45
CA LEU B 25 -15.99 4.62 -9.27
C LEU B 25 -15.00 5.09 -8.21
N PRO B 26 -15.43 6.03 -7.35
CA PRO B 26 -14.61 6.60 -6.26
C PRO B 26 -13.84 5.54 -5.48
N ALA B 27 -14.57 4.51 -5.04
CA ALA B 27 -13.96 3.44 -4.26
C ALA B 27 -12.89 2.69 -5.03
N GLU B 28 -13.03 2.61 -6.34
CA GLU B 28 -12.04 1.89 -7.16
C GLU B 28 -10.75 2.70 -7.30
N LEU B 29 -10.89 4.02 -7.40
CA LEU B 29 -9.72 4.89 -7.50
C LEU B 29 -8.95 4.83 -6.18
N GLN B 30 -9.65 4.60 -5.07
CA GLN B 30 -8.99 4.50 -3.78
C GLN B 30 -8.23 3.17 -3.73
N LEU B 31 -8.70 2.20 -4.51
CA LEU B 31 -8.03 0.91 -4.57
C LEU B 31 -6.74 1.15 -5.36
N PHE B 32 -6.85 1.94 -6.42
CA PHE B 32 -5.68 2.29 -7.24
C PHE B 32 -4.66 2.97 -6.34
N LYS B 33 -5.12 3.95 -5.57
CA LYS B 33 -4.24 4.70 -4.66
C LYS B 33 -3.57 3.75 -3.67
N ARG B 34 -4.37 2.88 -3.08
CA ARG B 34 -3.90 1.90 -2.12
C ARG B 34 -2.78 1.02 -2.68
N ALA B 35 -2.95 0.56 -3.91
CA ALA B 35 -1.95 -0.30 -4.54
C ALA B 35 -0.72 0.43 -5.08
N THR B 36 -0.78 1.76 -5.16
CA THR B 36 0.34 2.52 -5.70
C THR B 36 1.07 3.43 -4.70
N LEU B 37 0.37 3.90 -3.68
CA LEU B 37 0.96 4.78 -2.68
C LEU B 37 2.38 4.34 -2.28
N GLY B 38 3.30 5.29 -2.24
CA GLY B 38 4.67 5.00 -1.84
C GLY B 38 5.57 4.33 -2.86
N LYS B 39 5.02 3.98 -4.02
CA LYS B 39 5.78 3.32 -5.06
C LYS B 39 5.95 4.22 -6.27
N PRO B 40 6.98 3.97 -7.09
CA PRO B 40 7.16 4.81 -8.28
C PRO B 40 6.09 4.40 -9.30
N ILE B 41 5.40 5.37 -9.88
CA ILE B 41 4.39 5.05 -10.88
C ILE B 41 4.93 5.53 -12.22
N VAL B 42 4.85 4.66 -13.23
CA VAL B 42 5.33 4.95 -14.58
C VAL B 42 4.13 5.10 -15.52
N MET B 43 3.99 6.26 -16.14
CA MET B 43 2.85 6.51 -17.02
C MET B 43 3.22 7.16 -18.34
N GLY B 44 2.35 7.02 -19.34
CA GLY B 44 2.60 7.63 -20.62
C GLY B 44 2.17 9.09 -20.54
N ARG B 45 2.62 9.90 -21.49
CA ARG B 45 2.27 11.31 -21.49
C ARG B 45 0.77 11.58 -21.50
N ASN B 46 0.02 10.83 -22.30
CA ASN B 46 -1.43 11.02 -22.39
C ASN B 46 -2.10 10.75 -21.05
N THR B 47 -1.64 9.71 -20.36
CA THR B 47 -2.21 9.36 -19.07
C THR B 47 -1.91 10.44 -18.04
N PHE B 48 -0.69 10.96 -18.03
CA PHE B 48 -0.39 12.01 -17.07
C PHE B 48 -1.33 13.17 -17.31
N GLU B 49 -1.51 13.53 -18.58
CA GLU B 49 -2.38 14.64 -18.93
C GLU B 49 -3.84 14.36 -18.58
N SER B 50 -4.27 13.10 -18.65
CA SER B 50 -5.65 12.78 -18.31
C SER B 50 -5.83 12.92 -16.80
N ILE B 51 -4.80 12.59 -16.03
CA ILE B 51 -4.87 12.71 -14.58
C ILE B 51 -4.90 14.19 -14.23
N GLY B 52 -4.10 14.99 -14.93
CA GLY B 52 -4.11 16.43 -14.69
C GLY B 52 -3.21 17.00 -13.63
N ARG B 53 -2.34 16.19 -13.04
CA ARG B 53 -1.41 16.68 -12.03
C ARG B 53 -0.68 15.51 -11.40
N PRO B 54 0.40 15.78 -10.65
CA PRO B 54 1.16 14.71 -10.01
C PRO B 54 0.30 14.01 -8.96
N LEU B 55 0.48 12.70 -8.81
CA LEU B 55 -0.25 11.96 -7.79
C LEU B 55 0.61 11.99 -6.54
N PRO B 56 0.03 12.40 -5.40
CA PRO B 56 0.70 12.50 -4.10
C PRO B 56 1.27 11.21 -3.51
N GLY B 57 2.38 11.35 -2.79
CA GLY B 57 3.00 10.22 -2.15
C GLY B 57 3.56 9.15 -3.06
N ARG B 58 3.81 9.54 -4.30
CA ARG B 58 4.35 8.63 -5.30
C ARG B 58 5.32 9.39 -6.19
N LEU B 59 6.36 8.71 -6.65
CA LEU B 59 7.34 9.30 -7.56
C LEU B 59 6.66 9.19 -8.93
N ASN B 60 6.25 10.33 -9.49
CA ASN B 60 5.59 10.30 -10.80
C ASN B 60 6.59 10.32 -11.93
N ILE B 61 6.60 9.26 -12.73
CA ILE B 61 7.51 9.15 -13.87
C ILE B 61 6.67 9.14 -15.14
N VAL B 62 6.90 10.13 -16.01
CA VAL B 62 6.16 10.25 -17.25
C VAL B 62 7.03 10.01 -18.49
N LEU B 63 6.51 9.20 -19.40
CA LEU B 63 7.23 8.86 -20.63
C LEU B 63 6.85 9.77 -21.78
N SER B 64 7.87 10.34 -22.42
CA SER B 64 7.68 11.22 -23.56
C SER B 64 8.98 11.40 -24.30
N ARG B 65 8.90 11.42 -25.63
CA ARG B 65 10.09 11.60 -26.44
C ARG B 65 10.28 13.08 -26.82
N GLN B 66 9.34 13.92 -26.36
CA GLN B 66 9.43 15.35 -26.62
C GLN B 66 10.46 15.90 -25.62
N THR B 67 11.70 16.03 -26.07
CA THR B 67 12.81 16.51 -25.23
C THR B 67 12.49 17.67 -24.29
N ASP B 68 11.70 18.63 -24.73
CA ASP B 68 11.37 19.79 -23.90
C ASP B 68 10.11 19.62 -23.05
N TYR B 69 9.51 18.43 -23.05
CA TYR B 69 8.31 18.20 -22.26
C TYR B 69 8.70 18.05 -20.79
N GLN B 70 8.18 18.93 -19.95
CA GLN B 70 8.50 18.88 -18.53
C GLN B 70 7.44 19.54 -17.68
N PRO B 71 6.45 18.75 -17.26
CA PRO B 71 5.39 19.32 -16.42
C PRO B 71 5.98 19.50 -15.03
N GLU B 72 5.33 20.29 -14.21
CA GLU B 72 5.81 20.50 -12.86
C GLU B 72 5.55 19.22 -12.05
N GLY B 73 6.39 18.98 -11.06
CA GLY B 73 6.21 17.84 -10.18
C GLY B 73 6.38 16.42 -10.68
N VAL B 74 6.95 16.20 -11.86
CA VAL B 74 7.13 14.84 -12.34
C VAL B 74 8.49 14.68 -12.99
N THR B 75 8.92 13.44 -13.12
CA THR B 75 10.20 13.13 -13.78
C THR B 75 9.87 12.62 -15.17
N VAL B 76 10.36 13.32 -16.20
CA VAL B 76 10.10 12.91 -17.57
C VAL B 76 11.29 12.10 -18.10
N VAL B 77 11.00 10.96 -18.73
CA VAL B 77 12.03 10.10 -19.29
C VAL B 77 11.68 9.81 -20.74
N ALA B 78 12.71 9.68 -21.58
CA ALA B 78 12.50 9.45 -23.01
C ALA B 78 12.41 7.99 -23.45
N THR B 79 12.60 7.06 -22.52
CA THR B 79 12.51 5.62 -22.84
C THR B 79 12.09 4.82 -21.61
N LEU B 80 11.70 3.57 -21.82
CA LEU B 80 11.27 2.69 -20.73
C LEU B 80 12.45 2.30 -19.86
N GLU B 81 13.61 2.16 -20.50
CA GLU B 81 14.84 1.81 -19.81
C GLU B 81 15.18 2.91 -18.80
N ASP B 82 14.98 4.16 -19.20
CA ASP B 82 15.24 5.29 -18.32
C ASP B 82 14.18 5.41 -17.23
N ALA B 83 13.01 4.84 -17.49
CA ALA B 83 11.92 4.86 -16.52
C ALA B 83 12.30 3.95 -15.36
N VAL B 84 12.81 2.75 -15.68
CA VAL B 84 13.21 1.80 -14.64
C VAL B 84 14.38 2.36 -13.84
N VAL B 85 15.24 3.13 -14.50
CA VAL B 85 16.38 3.75 -13.81
C VAL B 85 15.82 4.79 -12.84
N ALA B 86 14.93 5.63 -13.33
CA ALA B 86 14.32 6.68 -12.52
C ALA B 86 13.59 6.12 -11.30
N ALA B 87 13.01 4.93 -11.42
CA ALA B 87 12.29 4.30 -10.32
C ALA B 87 13.22 4.08 -9.12
N GLY B 88 14.52 4.06 -9.40
CA GLY B 88 15.49 3.88 -8.35
C GLY B 88 15.56 2.51 -7.69
N ASP B 89 16.12 2.49 -6.49
CA ASP B 89 16.28 1.25 -5.74
C ASP B 89 15.01 0.89 -4.96
N VAL B 90 14.04 0.33 -5.66
CA VAL B 90 12.79 -0.07 -5.04
C VAL B 90 12.53 -1.54 -5.35
N GLU B 91 11.60 -2.16 -4.62
CA GLU B 91 11.30 -3.56 -4.86
C GLU B 91 10.26 -3.75 -5.97
N GLU B 92 9.48 -2.71 -6.22
CA GLU B 92 8.43 -2.78 -7.23
C GLU B 92 8.05 -1.42 -7.79
N LEU B 93 7.85 -1.36 -9.11
CA LEU B 93 7.42 -0.12 -9.76
C LEU B 93 6.06 -0.43 -10.37
N MET B 94 5.20 0.60 -10.43
CA MET B 94 3.86 0.42 -10.97
C MET B 94 3.64 1.15 -12.29
N ILE B 95 3.34 0.39 -13.34
CA ILE B 95 3.06 0.99 -14.63
C ILE B 95 1.57 1.24 -14.57
N ILE B 96 1.20 2.43 -14.64
CA ILE B 96 -0.13 2.81 -14.50
C ILE B 96 -0.83 3.14 -15.87
N GLY B 97 -0.20 2.75 -16.95
CA GLY B 97 -0.71 2.88 -18.29
C GLY B 97 -0.30 4.15 -19.05
N GLY B 98 -0.77 4.39 -20.18
CA GLY B 98 -1.95 3.88 -20.73
C GLY B 98 -1.78 2.77 -21.72
N ALA B 99 -2.56 2.82 -22.79
CA ALA B 99 -2.59 1.58 -23.54
C ALA B 99 -1.21 1.30 -24.14
N THR B 100 -0.58 2.33 -24.69
CA THR B 100 0.74 2.16 -25.31
C THR B 100 1.80 1.62 -24.38
N ILE B 101 1.77 2.08 -23.14
CA ILE B 101 2.74 1.63 -22.15
C ILE B 101 2.39 0.20 -21.74
N TYR B 102 1.12 -0.07 -21.49
CA TYR B 102 0.73 -1.42 -21.12
C TYR B 102 1.20 -2.39 -22.22
N ASN B 103 1.00 -2.00 -23.47
CA ASN B 103 1.39 -2.80 -24.63
C ASN B 103 2.88 -3.14 -24.65
N GLN B 104 3.70 -2.11 -24.50
CA GLN B 104 5.13 -2.28 -24.50
C GLN B 104 5.66 -3.07 -23.33
N CYS B 105 5.01 -2.95 -22.18
CA CYS B 105 5.48 -3.63 -20.99
C CYS B 105 4.85 -4.99 -20.66
N LEU B 106 3.72 -5.32 -21.28
CA LEU B 106 3.05 -6.57 -20.97
C LEU B 106 3.97 -7.79 -20.94
N ALA B 107 4.73 -8.01 -22.00
CA ALA B 107 5.63 -9.16 -22.07
C ALA B 107 6.64 -9.24 -20.92
N ALA B 108 6.96 -8.09 -20.32
CA ALA B 108 7.92 -8.06 -19.22
C ALA B 108 7.28 -7.91 -17.85
N ALA B 109 5.95 -7.86 -17.81
CA ALA B 109 5.25 -7.68 -16.54
C ALA B 109 5.35 -8.89 -15.62
N ASP B 110 5.65 -8.64 -14.35
CA ASP B 110 5.73 -9.70 -13.36
C ASP B 110 4.36 -9.90 -12.73
N ARG B 111 3.67 -8.79 -12.49
CA ARG B 111 2.35 -8.84 -11.89
C ARG B 111 1.37 -7.90 -12.58
N LEU B 112 0.10 -8.23 -12.46
CA LEU B 112 -0.94 -7.39 -13.02
C LEU B 112 -1.96 -7.14 -11.91
N TYR B 113 -2.15 -5.87 -11.57
CA TYR B 113 -3.13 -5.51 -10.56
C TYR B 113 -4.34 -5.14 -11.41
N LEU B 114 -5.24 -6.08 -11.61
CA LEU B 114 -6.39 -5.84 -12.45
C LEU B 114 -7.73 -5.75 -11.72
N THR B 115 -8.53 -4.77 -12.12
CA THR B 115 -9.86 -4.57 -11.58
C THR B 115 -10.81 -4.74 -12.75
N HIS B 116 -11.73 -5.69 -12.66
CA HIS B 116 -12.66 -5.92 -13.75
C HIS B 116 -14.01 -5.31 -13.42
N ILE B 117 -14.48 -4.43 -14.30
CA ILE B 117 -15.75 -3.76 -14.11
C ILE B 117 -16.83 -4.37 -14.99
N GLU B 118 -17.93 -4.78 -14.37
CA GLU B 118 -19.05 -5.36 -15.11
C GLU B 118 -19.73 -4.21 -15.82
N LEU B 119 -19.23 -3.89 -17.01
CA LEU B 119 -19.75 -2.78 -17.78
C LEU B 119 -19.26 -2.86 -19.23
N THR B 120 -20.16 -2.69 -20.17
CA THR B 120 -19.76 -2.69 -21.58
C THR B 120 -19.97 -1.26 -22.02
N THR B 121 -18.87 -0.59 -22.39
CA THR B 121 -18.94 0.79 -22.79
C THR B 121 -18.03 1.08 -23.98
N GLU B 122 -18.30 2.18 -24.67
CA GLU B 122 -17.50 2.58 -25.82
C GLU B 122 -16.08 2.96 -25.40
N GLY B 123 -15.09 2.61 -26.21
CA GLY B 123 -13.72 2.96 -25.86
C GLY B 123 -12.84 3.28 -27.05
N ASP B 124 -11.71 3.93 -26.78
CA ASP B 124 -10.76 4.23 -27.84
C ASP B 124 -9.36 3.85 -27.40
N THR B 125 -9.30 3.11 -26.29
CA THR B 125 -8.05 2.58 -25.74
C THR B 125 -8.39 1.27 -25.03
N TRP B 126 -7.55 0.26 -25.22
CA TRP B 126 -7.78 -1.05 -24.64
C TRP B 126 -6.55 -1.63 -23.93
N PHE B 127 -6.79 -2.38 -22.87
CA PHE B 127 -5.70 -3.02 -22.16
C PHE B 127 -5.26 -4.13 -23.12
N PRO B 128 -3.97 -4.51 -23.09
CA PRO B 128 -3.56 -5.57 -24.01
C PRO B 128 -4.22 -6.92 -23.72
N ASP B 129 -4.09 -7.85 -24.66
CA ASP B 129 -4.67 -9.19 -24.52
C ASP B 129 -3.71 -10.01 -23.66
N TYR B 130 -3.70 -9.74 -22.36
CA TYR B 130 -2.81 -10.42 -21.42
C TYR B 130 -3.08 -11.92 -21.30
N GLU B 131 -4.27 -12.35 -21.68
CA GLU B 131 -4.60 -13.77 -21.59
C GLU B 131 -3.86 -14.63 -22.61
N GLN B 132 -3.04 -14.00 -23.45
CA GLN B 132 -2.25 -14.75 -24.42
C GLN B 132 -1.08 -15.34 -23.66
N TYR B 133 -0.88 -14.87 -22.42
CA TYR B 133 0.19 -15.37 -21.56
C TYR B 133 -0.47 -16.10 -20.41
N ASN B 134 0.31 -16.85 -19.64
CA ASN B 134 -0.22 -17.60 -18.51
C ASN B 134 -0.03 -16.83 -17.21
N TRP B 135 -1.08 -16.79 -16.40
CA TRP B 135 -1.04 -16.08 -15.12
C TRP B 135 -1.70 -16.92 -14.04
N GLN B 136 -1.38 -16.60 -12.79
CA GLN B 136 -2.00 -17.29 -11.68
C GLN B 136 -2.37 -16.23 -10.65
N GLU B 137 -3.65 -16.20 -10.29
CA GLU B 137 -4.18 -15.22 -9.35
C GLU B 137 -3.70 -15.48 -7.92
N ILE B 138 -3.09 -14.47 -7.30
CA ILE B 138 -2.61 -14.63 -5.94
C ILE B 138 -3.58 -14.00 -4.93
N GLU B 139 -4.45 -13.12 -5.42
CA GLU B 139 -5.51 -12.59 -4.59
C GLU B 139 -6.71 -12.06 -5.36
N HIS B 140 -7.83 -12.02 -4.65
CA HIS B 140 -9.10 -11.62 -5.24
C HIS B 140 -10.03 -10.94 -4.23
N GLU B 141 -10.86 -10.05 -4.74
CA GLU B 141 -11.84 -9.37 -3.92
C GLU B 141 -12.95 -8.88 -4.84
N SER B 142 -14.19 -9.07 -4.41
CA SER B 142 -15.32 -8.67 -5.20
C SER B 142 -16.01 -7.49 -4.52
N TYR B 143 -16.49 -6.54 -5.31
CA TYR B 143 -17.17 -5.38 -4.77
C TYR B 143 -18.51 -5.17 -5.47
N ALA B 144 -19.58 -5.41 -4.73
CA ALA B 144 -20.92 -5.25 -5.27
C ALA B 144 -21.18 -3.77 -5.50
N ALA B 145 -21.78 -3.43 -6.63
CA ALA B 145 -22.09 -2.04 -6.94
C ALA B 145 -22.86 -1.50 -5.76
N ASP B 146 -22.55 -0.27 -5.34
CA ASP B 146 -23.26 0.32 -4.22
C ASP B 146 -23.64 1.76 -4.46
N ASP B 147 -24.05 2.39 -3.37
CA ASP B 147 -24.46 3.79 -3.38
C ASP B 147 -23.58 4.68 -4.26
N LYS B 148 -22.34 4.92 -3.82
CA LYS B 148 -21.41 5.78 -4.53
C LYS B 148 -20.60 5.15 -5.66
N ASN B 149 -20.78 3.86 -5.88
CA ASN B 149 -20.06 3.13 -6.92
C ASN B 149 -21.07 2.22 -7.62
N PRO B 150 -21.78 2.77 -8.62
CA PRO B 150 -22.81 2.11 -9.44
C PRO B 150 -22.46 0.90 -10.31
N HIS B 151 -21.25 0.38 -10.21
CA HIS B 151 -20.88 -0.78 -11.02
C HIS B 151 -20.19 -1.85 -10.20
N ASN B 152 -20.50 -3.11 -10.50
CA ASN B 152 -19.86 -4.21 -9.80
C ASN B 152 -18.46 -4.31 -10.39
N TYR B 153 -17.49 -4.67 -9.57
CA TYR B 153 -16.14 -4.86 -10.06
C TYR B 153 -15.40 -5.86 -9.19
N ARG B 154 -14.42 -6.51 -9.78
CA ARG B 154 -13.66 -7.52 -9.09
C ARG B 154 -12.17 -7.22 -9.21
N PHE B 155 -11.45 -7.28 -8.10
CA PHE B 155 -10.02 -7.04 -8.14
C PHE B 155 -9.34 -8.39 -8.28
N SER B 156 -8.31 -8.44 -9.12
CA SER B 156 -7.58 -9.67 -9.34
C SER B 156 -6.09 -9.37 -9.44
N LEU B 157 -5.30 -9.93 -8.54
CA LEU B 157 -3.85 -9.73 -8.57
C LEU B 157 -3.25 -10.97 -9.23
N LEU B 158 -2.77 -10.80 -10.46
CA LEU B 158 -2.19 -11.90 -11.21
C LEU B 158 -0.67 -11.87 -11.18
N GLU B 159 -0.09 -13.07 -11.15
CA GLU B 159 1.35 -13.25 -11.13
C GLU B 159 1.71 -14.02 -12.39
N ARG B 160 2.72 -13.56 -13.11
CA ARG B 160 3.14 -14.21 -14.36
C ARG B 160 3.66 -15.63 -14.18
N VAL B 161 3.20 -16.53 -15.05
CA VAL B 161 3.63 -17.93 -15.01
C VAL B 161 4.27 -18.30 -16.34
#